data_7A5M
#
_entry.id   7A5M
#
_cell.length_a   35.150
_cell.length_b   61.360
_cell.length_c   88.940
_cell.angle_alpha   90.000
_cell.angle_beta   90.000
_cell.angle_gamma   90.000
#
_symmetry.space_group_name_H-M   'C 2 2 21'
#
loop_
_entity.id
_entity.type
_entity.pdbx_description
1 polymer 'Protein enabled homolog'
2 polymer Ac-[2-Cl-F]-[ProM-2]-[ProM-17]-OMe
3 non-polymer 'NITRATE ION'
4 water water
#
loop_
_entity_poly.entity_id
_entity_poly.type
_entity_poly.pdbx_seq_one_letter_code
_entity_poly.pdbx_strand_id
1 'polypeptide(L)'
;GSMSEQSICQARAAVMVYDDANKKWVPAGGSTGFSRVHIYHHTGNNTFRVVGRKIQDHQVVINCAIPKGLKYNQATQTFH
QWRDARQVYGLNFGSKEDANVFASAMMHALEVL
;
A
2 'polypeptide(L)' (ACE)(2L5)(2L6)(JQ0) B,C
#
# COMPACT_ATOMS: atom_id res chain seq x y z
N SER A 2 -12.23 -17.01 3.95
CA SER A 2 -11.18 -16.00 3.63
C SER A 2 -10.21 -16.53 2.57
N MET A 3 -10.30 -17.82 2.14
CA MET A 3 -9.53 -18.30 0.98
C MET A 3 -9.98 -17.65 -0.33
N SER A 4 -11.14 -16.98 -0.31
CA SER A 4 -11.58 -16.27 -1.47
C SER A 4 -10.93 -14.90 -1.64
N GLU A 5 -10.15 -14.48 -0.64
CA GLU A 5 -9.31 -13.28 -0.74
C GLU A 5 -7.87 -13.74 -0.97
N GLN A 6 -7.26 -13.24 -2.04
CA GLN A 6 -5.95 -13.71 -2.52
C GLN A 6 -5.00 -12.55 -2.72
N SER A 7 -3.72 -12.77 -2.39
CA SER A 7 -2.70 -11.78 -2.72
C SER A 7 -2.42 -11.82 -4.20
N ILE A 8 -2.34 -10.63 -4.83
N ILE A 8 -2.37 -10.66 -4.84
CA ILE A 8 -1.97 -10.51 -6.21
CA ILE A 8 -2.05 -10.57 -6.26
C ILE A 8 -0.66 -9.81 -6.42
C ILE A 8 -0.79 -9.75 -6.56
N CYS A 9 -0.10 -9.23 -5.37
N CYS A 9 -0.09 -9.31 -5.51
CA CYS A 9 1.24 -8.71 -5.49
CA CYS A 9 1.20 -8.62 -5.61
C CYS A 9 1.80 -8.58 -4.12
C CYS A 9 1.77 -8.42 -4.21
N GLN A 10 3.10 -8.56 -4.07
N GLN A 10 3.09 -8.61 -4.03
CA GLN A 10 3.80 -8.18 -2.83
CA GLN A 10 3.75 -8.22 -2.79
C GLN A 10 5.03 -7.37 -3.24
C GLN A 10 5.10 -7.56 -3.08
N ALA A 11 5.38 -6.49 -2.33
CA ALA A 11 6.55 -5.67 -2.51
C ALA A 11 7.09 -5.27 -1.14
N ARG A 12 8.36 -4.86 -1.13
N ARG A 12 8.31 -4.91 -1.12
CA ARG A 12 9.04 -4.39 0.08
CA ARG A 12 8.93 -4.39 0.09
C ARG A 12 9.07 -2.86 0.08
C ARG A 12 8.90 -2.86 0.02
N ALA A 13 8.46 -2.26 1.12
CA ALA A 13 8.39 -0.80 1.20
C ALA A 13 8.27 -0.40 2.65
N ALA A 14 8.81 0.78 2.97
CA ALA A 14 8.53 1.42 4.24
C ALA A 14 7.22 2.21 4.07
N VAL A 15 6.29 1.99 5.00
CA VAL A 15 4.97 2.58 4.92
C VAL A 15 4.92 3.78 5.84
N MET A 16 4.64 4.97 5.27
N MET A 16 4.44 4.90 5.26
CA MET A 16 4.43 6.15 6.09
CA MET A 16 4.40 6.21 5.88
C MET A 16 3.03 6.68 5.89
C MET A 16 2.97 6.76 5.81
N VAL A 17 2.62 7.55 6.81
CA VAL A 17 1.39 8.33 6.72
C VAL A 17 1.77 9.79 6.91
N TYR A 18 1.01 10.68 6.26
CA TYR A 18 1.31 12.10 6.39
C TYR A 18 0.55 12.65 7.60
N ASP A 19 1.30 13.21 8.55
CA ASP A 19 0.72 13.83 9.74
C ASP A 19 0.32 15.24 9.35
N ASP A 20 -0.98 15.42 9.02
CA ASP A 20 -1.45 16.71 8.55
C ASP A 20 -1.17 17.81 9.56
N ALA A 21 -1.33 17.55 10.83
CA ALA A 21 -1.18 18.58 11.83
C ALA A 21 0.24 19.11 11.91
N ASN A 22 1.22 18.24 11.76
CA ASN A 22 2.60 18.63 11.88
C ASN A 22 3.35 18.72 10.55
N LYS A 23 2.65 18.50 9.44
CA LYS A 23 3.20 18.67 8.09
C LYS A 23 4.45 17.80 7.87
N LYS A 24 4.46 16.53 8.41
N LYS A 24 4.35 16.53 8.12
CA LYS A 24 5.58 15.54 8.41
CA LYS A 24 5.53 15.68 7.97
C LYS A 24 5.06 14.18 7.94
C LYS A 24 5.04 14.23 7.83
N TRP A 25 5.86 13.43 7.16
CA TRP A 25 5.64 12.00 7.06
C TRP A 25 6.09 11.31 8.34
N VAL A 26 5.28 10.39 8.81
CA VAL A 26 5.57 9.62 10.00
C VAL A 26 5.43 8.14 9.67
N PRO A 27 6.19 7.26 10.33
CA PRO A 27 6.06 5.83 10.03
C PRO A 27 4.70 5.29 10.42
N ALA A 28 4.09 4.54 9.52
CA ALA A 28 2.83 3.89 9.85
C ALA A 28 3.09 2.88 10.95
N GLY A 29 2.24 2.90 11.98
CA GLY A 29 2.38 2.02 13.12
C GLY A 29 3.42 2.45 14.14
N GLY A 30 4.15 3.54 13.93
CA GLY A 30 5.00 4.11 14.94
CA GLY A 30 5.00 4.17 14.93
C GLY A 30 6.49 3.94 14.81
N SER A 31 7.03 3.10 13.93
N SER A 31 6.89 2.97 14.00
CA SER A 31 8.48 2.96 13.86
CA SER A 31 8.27 2.51 13.89
C SER A 31 8.93 2.76 12.41
C SER A 31 8.68 2.48 12.41
N THR A 32 9.97 3.48 12.03
N THR A 32 9.74 3.22 12.08
CA THR A 32 10.44 3.44 10.67
CA THR A 32 10.23 3.30 10.71
C THR A 32 11.03 2.05 10.36
C THR A 32 11.01 2.06 10.31
N GLY A 33 10.66 1.48 9.20
CA GLY A 33 11.31 0.28 8.73
C GLY A 33 10.51 -0.34 7.60
N PHE A 34 11.10 -1.35 6.98
CA PHE A 34 10.47 -1.97 5.83
C PHE A 34 9.44 -3.00 6.22
N SER A 35 8.36 -3.01 5.40
CA SER A 35 7.26 -3.92 5.47
C SER A 35 7.14 -4.73 4.18
N ARG A 36 6.46 -5.86 4.31
CA ARG A 36 5.99 -6.63 3.15
CA ARG A 36 5.99 -6.63 3.16
C ARG A 36 4.55 -6.19 2.91
N VAL A 37 4.33 -5.58 1.74
CA VAL A 37 3.07 -4.93 1.41
C VAL A 37 2.42 -5.72 0.27
N HIS A 38 1.18 -6.13 0.50
CA HIS A 38 0.39 -6.89 -0.46
C HIS A 38 -0.78 -6.06 -0.96
N ILE A 39 -1.20 -6.36 -2.22
N ILE A 39 -1.21 -6.42 -2.14
CA ILE A 39 -2.53 -6.04 -2.71
CA ILE A 39 -2.54 -6.09 -2.62
C ILE A 39 -3.36 -7.32 -2.70
C ILE A 39 -3.32 -7.38 -2.58
N TYR A 40 -4.43 -7.34 -1.90
CA TYR A 40 -5.33 -8.49 -1.82
C TYR A 40 -6.59 -8.20 -2.63
N HIS A 41 -7.00 -9.23 -3.39
CA HIS A 41 -8.25 -9.21 -4.16
C HIS A 41 -9.26 -10.14 -3.50
N HIS A 42 -10.33 -9.54 -3.04
N HIS A 42 -10.42 -9.59 -3.07
CA HIS A 42 -11.43 -10.32 -2.55
CA HIS A 42 -11.59 -10.29 -2.48
C HIS A 42 -12.32 -10.66 -3.75
C HIS A 42 -12.47 -10.71 -3.66
N THR A 43 -12.26 -11.93 -4.14
CA THR A 43 -12.95 -12.31 -5.35
CA THR A 43 -12.94 -12.35 -5.35
C THR A 43 -14.47 -12.40 -5.18
N GLY A 44 -14.97 -12.54 -3.97
CA GLY A 44 -16.43 -12.64 -3.81
C GLY A 44 -17.16 -11.36 -4.16
N ASN A 45 -16.59 -10.23 -3.79
CA ASN A 45 -17.22 -8.94 -4.03
C ASN A 45 -16.40 -8.00 -4.90
N ASN A 46 -15.35 -8.55 -5.54
CA ASN A 46 -14.47 -7.77 -6.41
C ASN A 46 -13.99 -6.47 -5.74
N THR A 47 -13.45 -6.61 -4.53
CA THR A 47 -12.83 -5.49 -3.84
C THR A 47 -11.34 -5.78 -3.68
N PHE A 48 -10.60 -4.70 -3.40
CA PHE A 48 -9.17 -4.78 -3.18
C PHE A 48 -8.80 -3.98 -1.95
N ARG A 49 -7.72 -4.43 -1.28
CA ARG A 49 -7.14 -3.68 -0.16
C ARG A 49 -5.63 -3.84 -0.18
N VAL A 50 -4.95 -2.88 0.43
CA VAL A 50 -3.52 -2.93 0.68
C VAL A 50 -3.31 -3.29 2.15
N VAL A 51 -2.53 -4.37 2.40
CA VAL A 51 -2.18 -4.75 3.76
C VAL A 51 -0.68 -4.92 3.82
N GLY A 52 -0.06 -4.31 4.83
CA GLY A 52 1.38 -4.36 4.99
C GLY A 52 1.74 -4.71 6.43
N ARG A 53 2.79 -5.53 6.58
CA ARG A 53 3.28 -5.96 7.89
C ARG A 53 4.78 -5.77 7.94
N LYS A 54 5.24 -5.29 9.07
N LYS A 54 5.27 -5.15 9.03
CA LYS A 54 6.65 -4.99 9.24
CA LYS A 54 6.71 -4.99 9.22
C LYS A 54 7.43 -6.31 9.16
C LYS A 54 7.38 -6.34 9.02
N ILE A 55 8.52 -6.31 8.39
CA ILE A 55 9.27 -7.57 8.21
C ILE A 55 9.80 -8.08 9.56
N GLN A 56 10.30 -7.18 10.40
N GLN A 56 10.21 -7.16 10.44
CA GLN A 56 11.03 -7.67 11.59
CA GLN A 56 10.92 -7.55 11.65
C GLN A 56 10.08 -8.33 12.57
C GLN A 56 10.00 -8.19 12.68
N ASP A 57 8.93 -7.79 12.67
N ASP A 57 8.75 -7.72 12.79
CA ASP A 57 8.18 -8.21 13.83
CA ASP A 57 7.88 -8.10 13.91
C ASP A 57 6.71 -8.39 13.47
C ASP A 57 6.49 -8.39 13.45
N HIS A 58 6.27 -8.31 12.18
CA HIS A 58 4.95 -8.59 11.68
CA HIS A 58 4.93 -8.57 11.66
C HIS A 58 3.87 -7.63 12.13
N GLN A 59 4.24 -6.47 12.69
CA GLN A 59 3.17 -5.50 13.02
C GLN A 59 2.37 -5.13 11.77
N VAL A 60 1.03 -5.13 11.85
CA VAL A 60 0.22 -4.64 10.75
C VAL A 60 0.31 -3.12 10.80
N VAL A 61 0.82 -2.53 9.72
CA VAL A 61 1.01 -1.09 9.67
C VAL A 61 0.07 -0.39 8.72
N ILE A 62 -0.57 -1.14 7.79
CA ILE A 62 -1.53 -0.55 6.86
C ILE A 62 -2.54 -1.63 6.52
N ASN A 63 -3.81 -1.18 6.39
N ASN A 63 -3.80 -1.26 6.54
CA ASN A 63 -4.97 -2.04 6.01
CA ASN A 63 -4.84 -2.21 6.20
C ASN A 63 -5.99 -1.10 5.38
C ASN A 63 -5.97 -1.34 5.68
N CYS A 64 -5.77 -0.81 4.09
N CYS A 64 -5.95 -1.04 4.39
CA CYS A 64 -6.42 0.30 3.42
CA CYS A 64 -6.84 -0.01 3.84
C CYS A 64 -7.20 -0.20 2.21
C CYS A 64 -7.48 -0.44 2.53
N ALA A 65 -8.49 0.08 2.18
N ALA A 65 -8.66 0.10 2.24
CA ALA A 65 -9.31 -0.12 0.99
CA ALA A 65 -9.38 -0.26 1.03
C ALA A 65 -8.63 0.48 -0.23
C ALA A 65 -8.89 0.55 -0.16
N ILE A 66 -8.92 -0.13 -1.38
N ILE A 66 -8.97 -0.04 -1.34
CA ILE A 66 -8.74 0.46 -2.69
CA ILE A 66 -8.62 0.59 -2.59
C ILE A 66 -10.12 0.57 -3.33
C ILE A 66 -9.93 0.77 -3.39
N PRO A 67 -10.75 1.74 -3.29
N PRO A 67 -10.66 1.89 -3.13
CA PRO A 67 -12.03 1.84 -3.98
CA PRO A 67 -11.97 2.13 -3.80
C PRO A 67 -11.84 2.27 -5.41
C PRO A 67 -11.82 2.26 -5.33
N LYS A 68 -12.90 2.04 -6.13
CA LYS A 68 -12.91 2.40 -7.55
C LYS A 68 -12.60 3.89 -7.63
N GLY A 69 -11.74 4.27 -8.58
CA GLY A 69 -11.39 5.60 -8.82
C GLY A 69 -10.29 6.13 -7.96
N LEU A 70 -9.70 5.29 -7.07
CA LEU A 70 -8.56 5.78 -6.29
C LEU A 70 -7.51 6.34 -7.22
N LYS A 71 -6.95 7.50 -6.83
CA LYS A 71 -5.84 8.11 -7.55
C LYS A 71 -4.54 7.68 -6.89
N TYR A 72 -3.73 6.98 -7.64
CA TYR A 72 -2.46 6.44 -7.18
C TYR A 72 -1.36 7.27 -7.82
N ASN A 73 -0.61 8.00 -7.00
CA ASN A 73 0.39 8.92 -7.50
CA ASN A 73 0.38 8.93 -7.51
C ASN A 73 1.79 8.35 -7.39
N GLN A 74 2.45 8.24 -8.53
CA GLN A 74 3.85 7.87 -8.58
C GLN A 74 4.66 9.16 -8.50
N ALA A 75 4.96 9.58 -7.27
CA ALA A 75 5.61 10.86 -7.08
C ALA A 75 7.04 10.83 -7.59
N THR A 76 7.76 9.77 -7.27
CA THR A 76 9.12 9.52 -7.73
C THR A 76 9.16 8.06 -8.18
N GLN A 77 10.32 7.62 -8.69
CA GLN A 77 10.44 6.24 -9.11
C GLN A 77 10.41 5.24 -7.93
N THR A 78 10.62 5.72 -6.72
CA THR A 78 10.56 4.81 -5.59
C THR A 78 9.59 5.23 -4.48
N PHE A 79 8.87 6.35 -4.61
CA PHE A 79 7.91 6.77 -3.60
C PHE A 79 6.58 7.02 -4.27
N HIS A 80 5.57 6.24 -3.87
CA HIS A 80 4.22 6.37 -4.39
C HIS A 80 3.28 6.65 -3.23
N GLN A 81 2.11 7.21 -3.52
CA GLN A 81 1.23 7.70 -2.49
CA GLN A 81 1.23 7.66 -2.46
C GLN A 81 -0.22 7.70 -2.97
N TRP A 82 -1.14 7.66 -2.00
CA TRP A 82 -2.55 7.79 -2.31
C TRP A 82 -3.26 8.30 -1.08
N ARG A 83 -4.51 8.80 -1.25
N ARG A 83 -4.53 8.62 -1.25
CA ARG A 83 -5.31 9.37 -0.17
CA ARG A 83 -5.32 9.27 -0.23
C ARG A 83 -6.39 8.41 0.35
C ARG A 83 -6.36 8.32 0.34
N ASP A 84 -6.66 8.42 1.68
N ASP A 84 -6.71 8.63 1.57
CA ASP A 84 -8.06 8.28 2.12
CA ASP A 84 -7.80 8.09 2.37
C ASP A 84 -8.49 9.50 2.90
C ASP A 84 -8.32 9.31 3.16
N ALA A 85 -9.63 9.39 3.52
CA ALA A 85 -10.14 10.56 4.28
C ALA A 85 -9.33 10.78 5.53
N ARG A 86 -8.84 9.70 6.18
N ARG A 86 -8.84 9.67 6.10
CA ARG A 86 -8.07 9.87 7.42
CA ARG A 86 -8.15 9.67 7.38
C ARG A 86 -6.67 10.41 7.20
C ARG A 86 -6.70 10.16 7.28
N GLN A 87 -6.02 9.92 6.15
CA GLN A 87 -4.62 10.21 5.99
CA GLN A 87 -4.61 10.23 5.99
C GLN A 87 -4.20 9.89 4.55
N VAL A 88 -3.11 10.50 4.16
CA VAL A 88 -2.38 10.12 2.98
C VAL A 88 -1.38 9.02 3.36
N TYR A 89 -1.29 8.03 2.51
N TYR A 89 -1.38 7.95 2.58
CA TYR A 89 -0.36 6.92 2.66
CA TYR A 89 -0.41 6.86 2.66
C TYR A 89 0.77 7.08 1.67
C TYR A 89 0.74 7.11 1.67
N GLY A 90 1.95 6.71 2.10
CA GLY A 90 3.12 6.73 1.24
C GLY A 90 3.88 5.41 1.37
N LEU A 91 4.38 4.94 0.25
CA LEU A 91 5.20 3.75 0.21
C LEU A 91 6.57 4.15 -0.35
N ASN A 92 7.60 4.00 0.50
CA ASN A 92 9.00 4.21 0.10
C ASN A 92 9.56 2.83 -0.21
N PHE A 93 9.54 2.48 -1.50
CA PHE A 93 9.89 1.13 -1.91
C PHE A 93 11.39 0.87 -1.76
N GLY A 94 11.68 -0.43 -1.54
CA GLY A 94 13.07 -0.85 -1.39
C GLY A 94 13.87 -0.86 -2.66
N SER A 95 13.21 -0.82 -3.81
CA SER A 95 13.87 -0.83 -5.12
C SER A 95 12.86 -0.28 -6.15
N LYS A 96 13.40 0.09 -7.33
CA LYS A 96 12.54 0.50 -8.44
C LYS A 96 11.67 -0.64 -8.89
N GLU A 97 12.18 -1.85 -8.93
CA GLU A 97 11.35 -2.96 -9.39
C GLU A 97 10.20 -3.19 -8.42
N ASP A 98 10.45 -3.11 -7.10
CA ASP A 98 9.36 -3.21 -6.14
C ASP A 98 8.28 -2.18 -6.47
N ALA A 99 8.70 -0.95 -6.68
CA ALA A 99 7.76 0.13 -6.93
C ALA A 99 6.99 -0.10 -8.21
N ASN A 100 7.61 -0.57 -9.28
N ASN A 100 7.76 -0.35 -9.28
CA ASN A 100 6.89 -0.65 -10.56
CA ASN A 100 7.17 -0.42 -10.59
C ASN A 100 5.97 -1.79 -10.58
C ASN A 100 6.20 -1.60 -10.69
N VAL A 101 6.48 -2.81 -10.07
CA VAL A 101 5.64 -4.01 -10.04
CA VAL A 101 5.61 -3.97 -10.13
C VAL A 101 4.38 -3.74 -9.24
N PHE A 102 4.50 -3.14 -8.00
N PHE A 102 4.56 -3.04 -8.13
CA PHE A 102 3.33 -2.84 -7.14
CA PHE A 102 3.40 -2.66 -7.31
C PHE A 102 2.35 -1.88 -7.82
C PHE A 102 2.53 -1.68 -8.05
N ALA A 103 2.90 -0.88 -8.48
N ALA A 103 3.15 -0.65 -8.65
CA ALA A 103 2.06 0.02 -9.24
CA ALA A 103 2.35 0.33 -9.37
C ALA A 103 1.30 -0.68 -10.33
C ALA A 103 1.59 -0.32 -10.52
N SER A 104 2.00 -1.51 -11.11
N SER A 104 2.25 -1.22 -11.23
CA SER A 104 1.34 -2.06 -12.27
CA SER A 104 1.58 -1.96 -12.30
C SER A 104 0.23 -2.90 -11.71
C SER A 104 0.37 -2.74 -11.76
N ALA A 105 0.48 -3.51 -10.61
CA ALA A 105 -0.59 -4.28 -9.90
CA ALA A 105 -0.64 -4.24 -10.15
C ALA A 105 -1.76 -3.38 -9.50
N MET A 106 -1.49 -2.27 -8.82
N MET A 106 -1.38 -2.20 -9.03
CA MET A 106 -2.51 -1.29 -8.45
CA MET A 106 -2.37 -1.22 -8.58
C MET A 106 -3.28 -0.81 -9.68
C MET A 106 -3.16 -0.71 -9.78
N MET A 107 -2.58 -0.54 -10.78
N MET A 107 -2.46 -0.44 -10.88
N MET A 107 -2.56 -0.49 -10.82
CA MET A 107 -3.25 -0.07 -11.98
CA MET A 107 -3.18 0.00 -12.06
CA MET A 107 -3.24 0.04 -12.00
C MET A 107 -4.17 -1.14 -12.52
C MET A 107 -4.13 -1.09 -12.56
C MET A 107 -4.12 -1.11 -12.61
N HIS A 108 -3.70 -2.37 -12.48
CA HIS A 108 -4.58 -3.50 -12.84
C HIS A 108 -5.82 -3.51 -11.97
N ALA A 109 -5.62 -3.43 -10.66
CA ALA A 109 -6.75 -3.38 -9.75
C ALA A 109 -7.73 -2.31 -10.14
N LEU A 110 -7.22 -1.12 -10.41
CA LEU A 110 -8.10 0.00 -10.70
C LEU A 110 -8.89 -0.21 -11.96
N GLU A 111 -8.33 -0.95 -12.92
CA GLU A 111 -9.00 -1.29 -14.19
C GLU A 111 -10.05 -2.39 -14.06
N VAL A 112 -9.96 -3.24 -13.02
CA VAL A 112 -10.96 -4.28 -12.86
C VAL A 112 -11.99 -3.97 -11.78
N LEU A 113 -11.78 -2.96 -10.97
CA LEU A 113 -12.79 -2.50 -10.02
C LEU A 113 -14.09 -2.04 -10.66
#